data_3N36
#
_entry.id   3N36
#
_cell.length_a   102.584
_cell.length_b   102.584
_cell.length_c   57.112
_cell.angle_alpha   90.00
_cell.angle_beta   90.00
_cell.angle_gamma   120.00
#
_symmetry.space_group_name_H-M   'P 31 2 1'
#
loop_
_entity.id
_entity.type
_entity.pdbx_description
1 polymer Lectin
2 non-polymer 'MANGANESE (II) ION'
3 non-polymer 'CALCIUM ION'
4 non-polymer alpha-D-galactopyranose
5 water water
#
_entity_poly.entity_id   1
_entity_poly.type   'polypeptide(L)'
_entity_poly.pdbx_seq_one_letter_code
;VETISFSFSEFEPGNDNLTLQGASLITQSGVLQLTKINQNGMPAWDSTGRTLYAKPVHIWDMTTGTVASFETRFSFSIEQ
PYTRPLPADGLVFFMGPTKSKPAQGGGYLGIFNNSKQDNSYQTLGVEFDTFSNQWDPPQVPHIGIDVNSIRSIKTQPFQL
DNGQVANVVIKYDASSKILHAVLVYPSSGAIYTIAEIVDVKQVLPEWVDVGLSGATGAQRDAAETHDVYSWSFQASLPET
ND
;
_entity_poly.pdbx_strand_id   A
#
# COMPACT_ATOMS: atom_id res chain seq x y z
N VAL A 1 -16.25 6.27 21.18
CA VAL A 1 -15.41 5.73 20.08
C VAL A 1 -15.44 6.59 18.82
N GLU A 2 -14.28 7.15 18.45
CA GLU A 2 -14.16 7.97 17.24
C GLU A 2 -13.90 7.00 16.09
N THR A 3 -14.83 6.91 15.14
CA THR A 3 -14.68 5.99 14.02
C THR A 3 -14.71 6.67 12.66
N ILE A 4 -13.99 6.06 11.72
CA ILE A 4 -13.93 6.56 10.36
C ILE A 4 -14.09 5.32 9.49
N SER A 5 -14.64 5.48 8.31
CA SER A 5 -14.80 4.35 7.42
C SER A 5 -15.22 4.80 6.03
N PHE A 6 -14.73 4.08 5.04
CA PHE A 6 -15.07 4.35 3.67
C PHE A 6 -15.03 3.03 2.92
N SER A 7 -15.77 2.97 1.83
CA SER A 7 -15.86 1.76 1.04
C SER A 7 -16.13 2.09 -0.41
N PHE A 8 -15.20 1.73 -1.28
CA PHE A 8 -15.35 1.96 -2.71
C PHE A 8 -15.44 0.61 -3.39
N SER A 9 -16.65 0.18 -3.72
CA SER A 9 -16.85 -1.08 -4.40
C SER A 9 -16.44 -0.86 -5.86
N GLU A 10 -16.28 0.41 -6.20
CA GLU A 10 -15.89 0.84 -7.53
C GLU A 10 -15.33 2.25 -7.39
N PHE A 11 -14.49 2.67 -8.34
CA PHE A 11 -13.93 4.02 -8.29
C PHE A 11 -14.65 4.88 -9.32
N GLU A 12 -14.89 6.14 -8.95
CA GLU A 12 -15.57 7.08 -9.85
C GLU A 12 -14.72 8.31 -10.09
N PRO A 13 -14.52 8.68 -11.36
CA PRO A 13 -13.72 9.85 -11.67
C PRO A 13 -14.40 11.08 -11.07
N GLY A 14 -13.62 11.99 -10.48
CA GLY A 14 -14.22 13.18 -9.90
C GLY A 14 -14.64 13.04 -8.44
N ASN A 15 -14.57 11.84 -7.89
CA ASN A 15 -14.95 11.63 -6.50
C ASN A 15 -13.97 12.42 -5.62
N ASP A 16 -14.47 13.44 -4.93
CA ASP A 16 -13.61 14.27 -4.09
C ASP A 16 -13.18 13.66 -2.76
N ASN A 17 -13.54 12.40 -2.54
CA ASN A 17 -13.13 11.73 -1.30
C ASN A 17 -11.72 11.15 -1.46
N LEU A 18 -11.23 11.17 -2.70
CA LEU A 18 -9.90 10.64 -3.01
C LEU A 18 -8.94 11.68 -3.56
N THR A 19 -7.69 11.66 -3.10
CA THR A 19 -6.67 12.58 -3.59
C THR A 19 -5.68 11.79 -4.44
N LEU A 20 -5.66 12.07 -5.75
CA LEU A 20 -4.75 11.38 -6.66
C LEU A 20 -3.44 12.14 -6.78
N GLN A 21 -2.33 11.42 -6.85
CA GLN A 21 -1.02 12.05 -6.97
C GLN A 21 -0.18 11.32 -8.01
N GLY A 22 0.69 12.06 -8.70
CA GLY A 22 1.53 11.43 -9.70
C GLY A 22 0.72 10.92 -10.88
N ALA A 23 1.04 9.72 -11.35
CA ALA A 23 0.36 9.13 -12.50
C ALA A 23 -0.97 8.44 -12.21
N SER A 24 -1.35 8.33 -10.95
CA SER A 24 -2.59 7.65 -10.61
C SER A 24 -3.80 8.27 -11.31
N LEU A 25 -4.60 7.42 -11.94
CA LEU A 25 -5.76 7.87 -12.67
C LEU A 25 -6.91 6.87 -12.55
N ILE A 26 -8.13 7.39 -12.51
CA ILE A 26 -9.31 6.54 -12.42
C ILE A 26 -9.91 6.48 -13.81
N THR A 27 -10.03 5.27 -14.35
CA THR A 27 -10.58 5.09 -15.69
C THR A 27 -12.09 5.20 -15.66
N GLN A 28 -12.68 5.39 -16.84
CA GLN A 28 -14.12 5.48 -16.96
C GLN A 28 -14.72 4.13 -16.64
N SER A 29 -13.92 3.08 -16.77
CA SER A 29 -14.41 1.74 -16.48
C SER A 29 -14.42 1.48 -14.97
N GLY A 30 -14.05 2.50 -14.20
CA GLY A 30 -14.07 2.40 -12.75
C GLY A 30 -12.86 1.77 -12.07
N VAL A 31 -11.75 1.70 -12.79
CA VAL A 31 -10.53 1.12 -12.23
C VAL A 31 -9.52 2.18 -11.83
N LEU A 32 -8.88 1.98 -10.70
CA LEU A 32 -7.86 2.90 -10.24
C LEU A 32 -6.51 2.40 -10.77
N GLN A 33 -5.92 3.16 -11.68
CA GLN A 33 -4.63 2.80 -12.24
C GLN A 33 -3.55 3.64 -11.55
N LEU A 34 -2.81 3.02 -10.62
CA LEU A 34 -1.77 3.73 -9.89
C LEU A 34 -0.62 4.21 -10.75
N THR A 35 -0.21 3.39 -11.71
CA THR A 35 0.88 3.78 -12.59
C THR A 35 0.37 3.85 -14.02
N LYS A 36 0.92 4.78 -14.78
CA LYS A 36 0.52 5.02 -16.15
C LYS A 36 0.64 3.86 -17.12
N ILE A 37 -0.29 3.86 -18.07
CA ILE A 37 -0.34 2.85 -19.12
C ILE A 37 -0.40 3.63 -20.43
N ASN A 38 0.61 3.46 -21.28
CA ASN A 38 0.67 4.16 -22.55
C ASN A 38 -0.43 3.79 -23.52
N GLN A 39 -0.69 4.70 -24.46
CA GLN A 39 -1.74 4.54 -25.45
C GLN A 39 -1.75 3.20 -26.16
N ASN A 40 -0.56 2.64 -26.37
CA ASN A 40 -0.45 1.34 -27.03
C ASN A 40 -0.97 0.23 -26.12
N GLY A 41 -1.40 0.62 -24.91
CA GLY A 41 -1.94 -0.33 -23.96
C GLY A 41 -0.95 -1.10 -23.09
N MET A 42 0.32 -0.72 -23.13
CA MET A 42 1.35 -1.37 -22.32
C MET A 42 1.77 -0.45 -21.18
N PRO A 43 2.12 -1.03 -20.01
CA PRO A 43 2.52 -0.23 -18.85
C PRO A 43 3.78 0.59 -19.11
N ALA A 44 3.78 1.82 -18.60
CA ALA A 44 4.90 2.74 -18.76
C ALA A 44 5.91 2.59 -17.62
N TRP A 45 7.18 2.76 -17.96
CA TRP A 45 8.21 2.66 -16.95
C TRP A 45 8.46 4.04 -16.34
N ASP A 46 9.15 4.05 -15.21
CA ASP A 46 9.48 5.29 -14.54
C ASP A 46 8.22 6.05 -14.09
N SER A 47 7.18 5.30 -13.78
CA SER A 47 5.92 5.88 -13.35
C SER A 47 5.66 5.66 -11.86
N THR A 48 5.21 6.71 -11.19
CA THR A 48 4.90 6.66 -9.76
C THR A 48 3.52 7.29 -9.54
N GLY A 49 2.65 6.57 -8.85
CA GLY A 49 1.31 7.09 -8.59
C GLY A 49 0.82 6.75 -7.20
N ARG A 50 0.01 7.63 -6.64
CA ARG A 50 -0.54 7.41 -5.30
C ARG A 50 -1.98 7.90 -5.21
N THR A 51 -2.71 7.36 -4.25
CA THR A 51 -4.08 7.76 -4.00
C THR A 51 -4.27 7.78 -2.50
N LEU A 52 -4.73 8.91 -1.99
CA LEU A 52 -4.94 9.08 -0.56
C LEU A 52 -6.38 9.39 -0.25
N TYR A 53 -6.84 8.93 0.91
CA TYR A 53 -8.20 9.24 1.31
C TYR A 53 -8.13 10.73 1.67
N ALA A 54 -9.05 11.52 1.15
CA ALA A 54 -9.09 12.96 1.36
C ALA A 54 -9.11 13.46 2.80
N LYS A 55 -9.38 12.60 3.77
CA LYS A 55 -9.41 13.05 5.15
C LYS A 55 -8.43 12.30 6.04
N PRO A 56 -7.80 13.01 7.00
CA PRO A 56 -6.85 12.37 7.91
C PRO A 56 -7.58 11.42 8.86
N VAL A 57 -6.85 10.44 9.37
CA VAL A 57 -7.41 9.45 10.28
C VAL A 57 -6.78 9.61 11.67
N HIS A 58 -7.61 9.53 12.70
CA HIS A 58 -7.11 9.65 14.06
C HIS A 58 -6.71 8.23 14.47
N ILE A 59 -5.41 7.98 14.58
CA ILE A 59 -4.94 6.64 14.89
C ILE A 59 -4.59 6.39 16.37
N TRP A 60 -4.17 7.43 17.08
CA TRP A 60 -3.90 7.29 18.51
C TRP A 60 -4.07 8.67 19.13
N ASP A 61 -4.33 8.71 20.43
CA ASP A 61 -4.60 9.95 21.15
C ASP A 61 -3.72 10.07 22.39
N MET A 62 -2.80 11.04 22.39
CA MET A 62 -1.90 11.20 23.51
C MET A 62 -2.59 11.50 24.85
N THR A 63 -3.59 12.37 24.82
CA THR A 63 -4.29 12.72 26.05
C THR A 63 -4.89 11.52 26.80
N THR A 64 -5.70 10.72 26.12
CA THR A 64 -6.32 9.55 26.77
C THR A 64 -5.42 8.33 26.72
N GLY A 65 -4.44 8.34 25.81
CA GLY A 65 -3.53 7.22 25.69
C GLY A 65 -4.12 6.04 24.92
N THR A 66 -5.16 6.31 24.13
CA THR A 66 -5.82 5.26 23.36
C THR A 66 -5.24 5.12 21.96
N VAL A 67 -5.22 3.89 21.47
CA VAL A 67 -4.75 3.59 20.12
C VAL A 67 -5.90 2.93 19.37
N ALA A 68 -6.07 3.30 18.10
CA ALA A 68 -7.15 2.74 17.31
C ALA A 68 -6.82 1.39 16.72
N SER A 69 -7.86 0.62 16.44
CA SER A 69 -7.71 -0.67 15.79
C SER A 69 -8.21 -0.37 14.39
N PHE A 70 -7.72 -1.10 13.39
CA PHE A 70 -8.19 -0.83 12.05
C PHE A 70 -8.09 -2.01 11.10
N GLU A 71 -8.82 -1.90 10.00
CA GLU A 71 -8.85 -2.94 8.99
C GLU A 71 -9.07 -2.34 7.61
N THR A 72 -8.36 -2.87 6.63
CA THR A 72 -8.49 -2.40 5.27
C THR A 72 -8.49 -3.59 4.32
N ARG A 73 -9.30 -3.49 3.27
CA ARG A 73 -9.41 -4.54 2.29
C ARG A 73 -9.42 -3.90 0.91
N PHE A 74 -8.73 -4.52 -0.04
CA PHE A 74 -8.72 -4.01 -1.39
C PHE A 74 -8.40 -5.12 -2.37
N SER A 75 -8.81 -4.92 -3.62
CA SER A 75 -8.57 -5.89 -4.68
C SER A 75 -7.69 -5.24 -5.74
N PHE A 76 -6.64 -5.94 -6.13
CA PHE A 76 -5.75 -5.40 -7.13
C PHE A 76 -5.28 -6.49 -8.06
N SER A 77 -4.62 -6.06 -9.13
CA SER A 77 -4.05 -7.00 -10.08
C SER A 77 -2.79 -6.36 -10.62
N ILE A 78 -1.80 -7.21 -10.87
CA ILE A 78 -0.55 -6.77 -11.44
C ILE A 78 -0.34 -7.66 -12.66
N GLU A 79 -0.26 -7.04 -13.82
CA GLU A 79 -0.02 -7.80 -15.04
C GLU A 79 1.40 -7.47 -15.50
N GLN A 80 2.22 -8.51 -15.60
CA GLN A 80 3.59 -8.38 -16.06
C GLN A 80 3.60 -8.93 -17.48
N PRO A 81 3.47 -8.04 -18.48
CA PRO A 81 3.44 -8.41 -19.90
C PRO A 81 4.70 -9.10 -20.43
N TYR A 82 5.86 -8.77 -19.87
CA TYR A 82 7.10 -9.39 -20.33
C TYR A 82 7.88 -10.03 -19.19
N THR A 83 8.67 -11.06 -19.51
CA THR A 83 9.50 -11.71 -18.51
C THR A 83 10.86 -11.01 -18.53
N ARG A 84 11.15 -10.32 -19.64
CA ARG A 84 12.41 -9.59 -19.78
C ARG A 84 12.20 -8.27 -20.54
N PRO A 85 12.80 -7.17 -20.06
CA PRO A 85 13.61 -7.14 -18.84
C PRO A 85 12.75 -7.32 -17.59
N LEU A 86 13.42 -7.55 -16.46
CA LEU A 86 12.71 -7.77 -15.21
C LEU A 86 11.70 -6.68 -14.88
N PRO A 87 10.48 -7.08 -14.50
CA PRO A 87 9.43 -6.12 -14.16
C PRO A 87 9.66 -5.52 -12.76
N ALA A 88 9.14 -4.32 -12.54
CA ALA A 88 9.28 -3.61 -11.26
C ALA A 88 8.13 -2.61 -11.17
N ASP A 89 7.85 -2.03 -10.00
CA ASP A 89 8.56 -2.27 -8.74
C ASP A 89 7.58 -2.79 -7.67
N GLY A 90 6.29 -2.51 -7.87
CA GLY A 90 5.29 -2.98 -6.93
C GLY A 90 4.35 -1.92 -6.40
N LEU A 91 3.51 -2.29 -5.45
CA LEU A 91 2.58 -1.37 -4.84
C LEU A 91 2.57 -1.57 -3.34
N VAL A 92 2.08 -0.56 -2.62
CA VAL A 92 2.06 -0.64 -1.16
C VAL A 92 0.94 0.16 -0.51
N PHE A 93 0.42 -0.40 0.57
CA PHE A 93 -0.61 0.26 1.36
C PHE A 93 0.20 0.97 2.44
N PHE A 94 -0.10 2.23 2.71
CA PHE A 94 0.67 2.93 3.72
C PHE A 94 -0.12 3.94 4.55
N MET A 95 0.51 4.34 5.65
CA MET A 95 -0.04 5.33 6.55
C MET A 95 1.17 6.15 6.91
N GLY A 96 1.03 7.46 6.91
CA GLY A 96 2.13 8.32 7.24
C GLY A 96 1.67 9.71 7.62
N PRO A 97 2.59 10.69 7.68
CA PRO A 97 2.26 12.08 8.04
C PRO A 97 1.19 12.67 7.13
N THR A 98 0.31 13.51 7.68
CA THR A 98 -0.73 14.13 6.85
C THR A 98 -0.09 15.12 5.89
N LYS A 99 -0.80 15.46 4.84
CA LYS A 99 -0.30 16.40 3.85
C LYS A 99 0.99 15.88 3.23
N SER A 100 1.09 14.57 3.01
CA SER A 100 2.31 14.04 2.43
C SER A 100 2.25 14.03 0.91
N LYS A 101 3.43 14.19 0.30
CA LYS A 101 3.56 14.19 -1.14
C LYS A 101 4.36 12.95 -1.52
N PRO A 102 4.24 12.50 -2.78
CA PRO A 102 4.99 11.32 -3.20
C PRO A 102 6.49 11.46 -2.91
N ALA A 103 7.12 10.37 -2.51
CA ALA A 103 8.55 10.40 -2.23
C ALA A 103 9.25 9.82 -3.46
N GLN A 104 10.39 9.17 -3.27
CA GLN A 104 11.11 8.59 -4.40
C GLN A 104 10.36 7.42 -5.04
N GLY A 105 10.42 7.36 -6.36
CA GLY A 105 9.77 6.28 -7.09
C GLY A 105 10.64 5.04 -7.16
N GLY A 106 10.40 4.19 -8.17
CA GLY A 106 11.18 2.97 -8.30
C GLY A 106 11.07 2.05 -7.09
N GLY A 107 12.19 1.48 -6.67
CA GLY A 107 12.20 0.58 -5.54
C GLY A 107 11.75 1.18 -4.22
N TYR A 108 11.57 2.50 -4.16
CA TYR A 108 11.14 3.15 -2.91
C TYR A 108 9.63 3.26 -2.86
N LEU A 109 8.98 2.75 -3.90
CA LEU A 109 7.53 2.71 -4.01
C LEU A 109 6.73 4.00 -3.78
N GLY A 110 7.39 5.14 -3.94
CA GLY A 110 6.71 6.41 -3.75
C GLY A 110 6.44 6.80 -2.32
N ILE A 111 7.11 6.15 -1.36
CA ILE A 111 6.88 6.49 0.03
C ILE A 111 8.14 6.64 0.87
N PHE A 112 9.30 6.33 0.29
CA PHE A 112 10.56 6.49 1.01
C PHE A 112 11.51 7.27 0.12
N ASN A 113 12.64 7.70 0.69
CA ASN A 113 13.60 8.45 -0.09
C ASN A 113 14.91 7.71 -0.30
N ASN A 114 15.20 6.80 0.62
CA ASN A 114 16.42 6.02 0.57
C ASN A 114 16.12 4.71 1.25
N SER A 115 17.13 3.89 1.44
CA SER A 115 16.97 2.59 2.07
C SER A 115 17.41 2.63 3.53
N LYS A 116 17.44 3.81 4.11
CA LYS A 116 17.85 3.94 5.51
C LYS A 116 16.68 3.73 6.45
N GLN A 117 17.01 3.34 7.68
CA GLN A 117 16.05 3.12 8.75
C GLN A 117 16.00 4.45 9.50
N ASP A 118 14.91 5.18 9.35
CA ASP A 118 14.81 6.50 9.97
C ASP A 118 13.45 6.78 10.61
N ASN A 119 13.45 7.06 11.90
CA ASN A 119 12.22 7.35 12.63
C ASN A 119 11.48 8.53 12.05
N SER A 120 12.21 9.49 11.52
CA SER A 120 11.60 10.69 10.96
C SER A 120 10.58 10.42 9.85
N TYR A 121 10.63 9.23 9.25
CA TYR A 121 9.68 8.89 8.20
C TYR A 121 8.28 8.80 8.79
N GLN A 122 8.20 8.27 10.00
CA GLN A 122 6.92 8.09 10.70
C GLN A 122 5.92 7.44 9.74
N THR A 123 6.39 6.41 9.04
CA THR A 123 5.57 5.72 8.05
C THR A 123 5.50 4.21 8.24
N LEU A 124 4.30 3.67 8.04
CA LEU A 124 4.05 2.23 8.13
C LEU A 124 3.53 1.78 6.78
N GLY A 125 3.97 0.63 6.31
CA GLY A 125 3.51 0.15 5.03
C GLY A 125 3.51 -1.35 4.83
N VAL A 126 2.57 -1.82 4.01
CA VAL A 126 2.47 -3.23 3.67
C VAL A 126 2.67 -3.32 2.12
N GLU A 127 3.84 -3.74 1.68
CA GLU A 127 4.18 -3.78 0.27
C GLU A 127 3.95 -5.10 -0.43
N PHE A 128 3.86 -5.00 -1.76
CA PHE A 128 3.66 -6.15 -2.58
C PHE A 128 4.73 -5.83 -3.59
N ASP A 129 5.87 -6.35 -3.30
CA ASP A 129 7.11 -6.10 -4.03
C ASP A 129 7.45 -7.06 -5.16
N THR A 130 7.60 -6.49 -6.33
CA THR A 130 7.88 -7.31 -7.50
C THR A 130 9.33 -7.29 -8.02
N PHE A 131 10.19 -6.44 -7.47
CA PHE A 131 11.58 -6.40 -7.94
C PHE A 131 12.53 -6.57 -6.78
N SER A 132 13.55 -7.39 -6.94
CA SER A 132 14.50 -7.62 -5.86
C SER A 132 15.64 -6.58 -5.81
N ASN A 133 15.50 -5.57 -4.96
CA ASN A 133 16.53 -4.54 -4.80
C ASN A 133 17.61 -5.05 -3.86
N GLN A 134 18.68 -4.29 -3.70
CA GLN A 134 19.79 -4.70 -2.86
C GLN A 134 19.43 -4.96 -1.39
N TRP A 135 18.43 -4.25 -0.89
CA TRP A 135 17.99 -4.42 0.50
C TRP A 135 16.92 -5.51 0.58
N ASP A 136 16.56 -6.08 -0.56
CA ASP A 136 15.52 -7.09 -0.61
C ASP A 136 15.95 -8.56 -0.52
N PRO A 137 15.02 -9.43 -0.08
CA PRO A 137 15.35 -10.85 -0.01
C PRO A 137 15.35 -11.19 -1.50
N PRO A 138 16.04 -12.28 -1.90
CA PRO A 138 16.08 -12.65 -3.31
C PRO A 138 14.75 -13.02 -3.97
N GLN A 139 13.83 -13.60 -3.22
CA GLN A 139 12.53 -13.98 -3.77
C GLN A 139 11.56 -12.84 -4.03
N VAL A 140 11.02 -12.80 -5.23
CA VAL A 140 10.02 -11.81 -5.60
C VAL A 140 8.99 -12.55 -6.44
N PRO A 141 7.73 -12.13 -6.35
CA PRO A 141 7.37 -11.03 -5.47
C PRO A 141 7.29 -11.48 -4.01
N HIS A 142 7.13 -10.52 -3.11
CA HIS A 142 7.00 -10.83 -1.70
C HIS A 142 6.18 -9.76 -1.03
N ILE A 143 5.52 -10.15 0.05
CA ILE A 143 4.72 -9.22 0.82
C ILE A 143 5.71 -8.74 1.88
N GLY A 144 5.57 -7.50 2.31
CA GLY A 144 6.47 -7.01 3.31
C GLY A 144 5.84 -6.00 4.23
N ILE A 145 6.27 -6.02 5.49
CA ILE A 145 5.77 -5.07 6.46
C ILE A 145 6.92 -4.08 6.65
N ASP A 146 6.69 -2.85 6.22
CA ASP A 146 7.70 -1.79 6.30
C ASP A 146 7.41 -0.83 7.43
N VAL A 147 8.42 -0.64 8.28
CA VAL A 147 8.31 0.26 9.41
C VAL A 147 9.47 1.25 9.37
N ASN A 148 9.17 2.46 8.92
CA ASN A 148 10.16 3.53 8.81
C ASN A 148 11.37 3.13 7.96
N SER A 149 11.13 2.26 6.98
CA SER A 149 12.20 1.80 6.10
C SER A 149 11.67 0.93 4.97
N ILE A 150 12.35 0.98 3.83
CA ILE A 150 11.96 0.17 2.67
C ILE A 150 12.44 -1.26 2.94
N ARG A 151 13.43 -1.39 3.82
CA ARG A 151 13.95 -2.69 4.22
C ARG A 151 12.96 -3.26 5.25
N SER A 152 12.19 -4.25 4.84
CA SER A 152 11.15 -4.86 5.67
C SER A 152 11.60 -5.53 6.96
N ILE A 153 10.81 -5.42 8.00
CA ILE A 153 11.13 -6.09 9.25
C ILE A 153 10.74 -7.54 9.05
N LYS A 154 9.85 -7.79 8.10
CA LYS A 154 9.42 -9.16 7.80
C LYS A 154 8.81 -9.27 6.40
N THR A 155 9.13 -10.38 5.72
CA THR A 155 8.63 -10.63 4.37
C THR A 155 8.08 -12.04 4.19
N GLN A 156 7.20 -12.19 3.21
CA GLN A 156 6.60 -13.47 2.88
C GLN A 156 6.54 -13.55 1.35
N PRO A 157 7.28 -14.50 0.77
CA PRO A 157 7.26 -14.64 -0.69
C PRO A 157 5.92 -15.20 -1.13
N PHE A 158 5.45 -14.79 -2.30
CA PHE A 158 4.21 -15.33 -2.83
C PHE A 158 4.36 -15.49 -4.32
N GLN A 159 3.50 -16.32 -4.90
CA GLN A 159 3.54 -16.56 -6.32
C GLN A 159 2.52 -15.64 -6.97
N LEU A 160 2.95 -14.93 -8.00
CA LEU A 160 2.09 -14.02 -8.72
C LEU A 160 1.20 -14.77 -9.71
N ASP A 161 -0.09 -14.47 -9.67
CA ASP A 161 -1.03 -15.08 -10.61
C ASP A 161 -1.14 -13.95 -11.63
N ASN A 162 -0.30 -14.00 -12.65
CA ASN A 162 -0.24 -12.94 -13.63
C ASN A 162 -1.55 -12.39 -14.17
N GLY A 163 -1.78 -11.12 -13.88
CA GLY A 163 -2.97 -10.44 -14.33
C GLY A 163 -4.26 -10.76 -13.60
N GLN A 164 -4.22 -11.69 -12.65
CA GLN A 164 -5.41 -12.06 -11.90
C GLN A 164 -5.66 -11.15 -10.71
N VAL A 165 -6.92 -11.05 -10.31
CA VAL A 165 -7.31 -10.22 -9.18
C VAL A 165 -6.89 -10.86 -7.86
N ALA A 166 -6.33 -10.05 -6.96
CA ALA A 166 -5.90 -10.53 -5.66
C ALA A 166 -6.70 -9.79 -4.58
N ASN A 167 -7.09 -10.53 -3.55
CA ASN A 167 -7.84 -9.94 -2.45
C ASN A 167 -6.91 -9.79 -1.26
N VAL A 168 -6.89 -8.60 -0.67
CA VAL A 168 -6.03 -8.34 0.47
C VAL A 168 -6.80 -7.86 1.69
N VAL A 169 -6.43 -8.39 2.85
CA VAL A 169 -7.05 -8.00 4.10
C VAL A 169 -5.94 -7.68 5.07
N ILE A 170 -5.95 -6.48 5.61
CA ILE A 170 -4.94 -6.07 6.58
C ILE A 170 -5.67 -5.64 7.83
N LYS A 171 -5.31 -6.27 8.94
CA LYS A 171 -5.96 -5.94 10.19
C LYS A 171 -4.95 -5.62 11.30
N TYR A 172 -5.27 -4.60 12.08
CA TYR A 172 -4.42 -4.21 13.18
C TYR A 172 -5.22 -4.20 14.48
N ASP A 173 -4.78 -4.99 15.46
CA ASP A 173 -5.45 -5.05 16.75
C ASP A 173 -4.59 -4.32 17.80
N ALA A 174 -5.05 -3.13 18.20
CA ALA A 174 -4.32 -2.31 19.15
C ALA A 174 -3.99 -2.99 20.49
N SER A 175 -4.90 -3.81 21.01
CA SER A 175 -4.61 -4.45 22.29
C SER A 175 -3.41 -5.37 22.24
N SER A 176 -3.24 -6.11 21.15
CA SER A 176 -2.10 -7.01 21.07
C SER A 176 -0.97 -6.44 20.20
N LYS A 177 -1.25 -5.32 19.55
CA LYS A 177 -0.26 -4.68 18.68
C LYS A 177 0.12 -5.57 17.50
N ILE A 178 -0.78 -6.45 17.09
CA ILE A 178 -0.49 -7.34 15.98
C ILE A 178 -1.06 -6.79 14.68
N LEU A 179 -0.23 -6.76 13.66
CA LEU A 179 -0.68 -6.32 12.35
C LEU A 179 -0.67 -7.60 11.51
N HIS A 180 -1.85 -8.10 11.17
CA HIS A 180 -1.88 -9.30 10.34
C HIS A 180 -2.48 -9.00 8.97
N ALA A 181 -1.82 -9.51 7.95
CA ALA A 181 -2.25 -9.30 6.58
C ALA A 181 -2.41 -10.62 5.83
N VAL A 182 -3.38 -10.65 4.93
CA VAL A 182 -3.64 -11.84 4.15
C VAL A 182 -3.83 -11.49 2.69
N LEU A 183 -3.35 -12.37 1.82
CA LEU A 183 -3.49 -12.20 0.38
C LEU A 183 -4.05 -13.49 -0.18
N VAL A 184 -5.16 -13.37 -0.89
CA VAL A 184 -5.82 -14.52 -1.49
C VAL A 184 -6.00 -14.34 -2.98
N TYR A 185 -5.75 -15.39 -3.75
CA TYR A 185 -5.96 -15.37 -5.20
C TYR A 185 -7.13 -16.31 -5.49
N PRO A 186 -8.33 -15.75 -5.64
CA PRO A 186 -9.51 -16.58 -5.93
C PRO A 186 -9.30 -17.52 -7.12
N SER A 187 -8.65 -17.00 -8.14
CA SER A 187 -8.40 -17.76 -9.36
C SER A 187 -7.71 -19.09 -9.13
N SER A 188 -6.72 -19.13 -8.25
CA SER A 188 -5.99 -20.37 -7.99
C SER A 188 -6.23 -20.92 -6.57
N GLY A 189 -6.83 -20.11 -5.72
CA GLY A 189 -7.07 -20.55 -4.35
C GLY A 189 -5.88 -20.35 -3.42
N ALA A 190 -4.80 -19.76 -3.91
CA ALA A 190 -3.62 -19.55 -3.08
C ALA A 190 -3.85 -18.62 -1.88
N ILE A 191 -3.37 -19.03 -0.71
CA ILE A 191 -3.53 -18.20 0.49
C ILE A 191 -2.19 -17.88 1.12
N TYR A 192 -1.94 -16.60 1.38
CA TYR A 192 -0.69 -16.17 2.00
C TYR A 192 -1.01 -15.36 3.25
N THR A 193 -0.27 -15.61 4.32
CA THR A 193 -0.48 -14.88 5.56
C THR A 193 0.85 -14.37 6.12
N ILE A 194 0.82 -13.21 6.76
CA ILE A 194 2.02 -12.61 7.34
C ILE A 194 1.57 -11.74 8.50
N ALA A 195 2.34 -11.75 9.58
CA ALA A 195 2.02 -10.96 10.76
C ALA A 195 3.27 -10.54 11.51
N GLU A 196 3.17 -9.43 12.23
CA GLU A 196 4.28 -8.90 13.01
C GLU A 196 3.78 -7.95 14.08
N ILE A 197 4.59 -7.76 15.11
CA ILE A 197 4.26 -6.85 16.19
C ILE A 197 4.60 -5.44 15.72
N VAL A 198 3.65 -4.52 15.81
CA VAL A 198 3.90 -3.13 15.41
C VAL A 198 3.23 -2.21 16.42
N ASP A 199 4.03 -1.39 17.10
CA ASP A 199 3.50 -0.43 18.07
C ASP A 199 3.30 0.90 17.34
N VAL A 200 2.12 1.11 16.77
CA VAL A 200 1.85 2.33 16.01
C VAL A 200 2.06 3.65 16.72
N LYS A 201 1.95 3.67 18.06
CA LYS A 201 2.14 4.91 18.79
C LYS A 201 3.62 5.31 18.83
N GLN A 202 4.50 4.34 18.60
CA GLN A 202 5.93 4.63 18.57
C GLN A 202 6.37 4.97 17.14
N VAL A 203 5.55 4.60 16.16
CA VAL A 203 5.89 4.84 14.76
C VAL A 203 5.14 5.96 14.05
N LEU A 204 3.83 5.98 14.18
CA LEU A 204 3.04 6.97 13.49
C LEU A 204 2.64 8.16 14.31
N PRO A 205 2.34 9.28 13.66
CA PRO A 205 1.92 10.49 14.37
C PRO A 205 0.46 10.23 14.71
N GLU A 206 -0.12 11.07 15.56
CA GLU A 206 -1.51 10.90 15.99
C GLU A 206 -2.54 10.89 14.86
N TRP A 207 -2.32 11.73 13.85
CA TRP A 207 -3.21 11.79 12.71
C TRP A 207 -2.39 11.38 11.50
N VAL A 208 -2.97 10.52 10.66
CA VAL A 208 -2.25 10.07 9.48
C VAL A 208 -3.08 10.08 8.22
N ASP A 209 -2.39 10.09 7.10
CA ASP A 209 -3.02 10.01 5.80
C ASP A 209 -2.93 8.52 5.47
N VAL A 210 -3.96 7.97 4.84
CA VAL A 210 -3.95 6.56 4.48
C VAL A 210 -4.02 6.48 2.96
N GLY A 211 -3.17 5.65 2.37
CA GLY A 211 -3.22 5.56 0.93
C GLY A 211 -2.58 4.33 0.31
N LEU A 212 -2.57 4.34 -1.01
CA LEU A 212 -2.00 3.29 -1.82
C LEU A 212 -1.03 3.97 -2.79
N SER A 213 0.09 3.30 -3.07
CA SER A 213 1.07 3.86 -3.97
C SER A 213 1.70 2.76 -4.80
N GLY A 214 1.99 3.07 -6.06
CA GLY A 214 2.60 2.09 -6.93
C GLY A 214 3.70 2.72 -7.75
N ALA A 215 4.61 1.90 -8.26
CA ALA A 215 5.70 2.42 -9.07
C ALA A 215 6.26 1.39 -10.04
N THR A 216 6.77 1.88 -11.15
CA THR A 216 7.38 1.02 -12.16
C THR A 216 8.87 1.35 -12.22
N GLY A 217 9.66 0.42 -12.75
CA GLY A 217 11.10 0.59 -12.83
C GLY A 217 11.66 1.80 -13.56
N ALA A 218 12.94 2.06 -13.30
CA ALA A 218 13.64 3.18 -13.91
C ALA A 218 14.24 2.78 -15.26
N GLN A 219 14.36 1.48 -15.51
CA GLN A 219 14.91 1.01 -16.78
C GLN A 219 13.76 0.86 -17.77
N ARG A 220 14.03 1.14 -19.04
CA ARG A 220 13.02 1.03 -20.09
C ARG A 220 12.36 -0.34 -20.11
N ASP A 221 11.03 -0.34 -20.16
CA ASP A 221 10.21 -1.54 -20.18
C ASP A 221 10.21 -2.35 -18.89
N ALA A 222 10.88 -1.85 -17.86
CA ALA A 222 10.88 -2.55 -16.59
C ALA A 222 9.60 -2.02 -15.93
N ALA A 223 8.46 -2.59 -16.33
CA ALA A 223 7.20 -2.11 -15.83
C ALA A 223 6.11 -3.18 -15.80
N GLU A 224 5.02 -2.85 -15.13
CA GLU A 224 3.86 -3.73 -14.98
C GLU A 224 2.69 -2.83 -14.61
N THR A 225 1.49 -3.40 -14.59
CA THR A 225 0.33 -2.60 -14.22
C THR A 225 0.15 -2.71 -12.71
N HIS A 226 -0.54 -1.73 -12.14
CA HIS A 226 -0.84 -1.74 -10.71
C HIS A 226 -2.28 -1.25 -10.59
N ASP A 227 -3.23 -2.13 -10.87
CA ASP A 227 -4.63 -1.76 -10.83
C ASP A 227 -5.38 -2.16 -9.56
N VAL A 228 -6.16 -1.22 -9.04
CA VAL A 228 -6.96 -1.43 -7.85
C VAL A 228 -8.41 -1.36 -8.28
N TYR A 229 -9.22 -2.33 -7.85
CA TYR A 229 -10.62 -2.39 -8.23
C TYR A 229 -11.60 -1.94 -7.15
N SER A 230 -11.24 -2.19 -5.90
CA SER A 230 -12.09 -1.80 -4.79
C SER A 230 -11.21 -1.61 -3.58
N TRP A 231 -11.67 -0.79 -2.64
CA TRP A 231 -10.90 -0.49 -1.46
C TRP A 231 -11.80 0.02 -0.33
N SER A 232 -11.61 -0.52 0.87
CA SER A 232 -12.40 -0.12 2.02
C SER A 232 -11.48 -0.01 3.23
N PHE A 233 -11.90 0.80 4.20
CA PHE A 233 -11.10 1.02 5.40
C PHE A 233 -12.00 1.36 6.58
N GLN A 234 -11.58 0.97 7.77
CA GLN A 234 -12.34 1.30 8.98
C GLN A 234 -11.39 1.35 10.17
N ALA A 235 -11.53 2.42 10.94
CA ALA A 235 -10.72 2.61 12.13
C ALA A 235 -11.61 2.98 13.31
N SER A 236 -11.28 2.45 14.48
CA SER A 236 -12.03 2.74 15.68
C SER A 236 -11.08 3.10 16.78
N LEU A 237 -11.27 4.30 17.32
CA LEU A 237 -10.42 4.81 18.37
C LEU A 237 -11.22 5.01 19.66
N PRO A 238 -10.97 4.17 20.68
CA PRO A 238 -11.74 4.37 21.92
C PRO A 238 -11.44 5.80 22.35
N GLU A 239 -12.47 6.59 22.63
CA GLU A 239 -12.26 7.98 23.04
C GLU A 239 -11.74 8.12 24.46
N THR A 240 -12.11 7.17 25.32
CA THR A 240 -11.66 7.20 26.72
C THR A 240 -11.08 5.87 27.13
N ASN A 241 -10.38 5.89 28.27
CA ASN A 241 -9.78 4.71 28.87
C ASN A 241 -9.88 4.99 30.36
N ASP A 242 -10.85 4.34 31.02
CA ASP A 242 -11.06 4.58 32.45
C ASP A 242 -10.24 3.67 33.37
#